data_9KD4
#
_entry.id   9KD4
#
_cell.length_a   116.867
_cell.length_b   47.271
_cell.length_c   129.255
_cell.angle_alpha   90.00
_cell.angle_beta   113.56
_cell.angle_gamma   90.00
#
_symmetry.space_group_name_H-M   'C 1 2 1'
#
loop_
_entity.id
_entity.type
_entity.pdbx_description
1 polymer 'WD repeat-containing protein 5'
2 polymer 'Kinesin-like protein KIF2A'
3 water water
#
loop_
_entity_poly.entity_id
_entity_poly.type
_entity_poly.pdbx_seq_one_letter_code
_entity_poly.pdbx_strand_id
1 'polypeptide(L)'
;GSHMTQSKPTPVKPNYALKFTLAGHTKAVSSVKFSPNGEWLASSSADKLIKIWGAYDGKFEKTISGHKLGISDVAWSSDS
NLLVSASDDKTLKIWDVSSGKCLKTLKGHSNYVFCCNFNPQSNLIVSGSFDESVRIWDVKTGKCLKTLPAHSDPVSAVHF
NRDGSLIVSSSYDGLCRIWDTASGQCLKTLIDDDNPPVSFVKFSPNGKYILAATLDNTLKLWDYSKGKCLKTYTGHKNEK
YCIFANFSVTGGKWIVSGSEDNLVYIWNLQTKEIVQKLQGHTDVVISTACHPTENIIASAALENDKTIKLWKSDC
;
A,B
2 'polypeptide(L)' GSARARP C,D
#
# COMPACT_ATOMS: atom_id res chain seq x y z
N VAL A 12 -23.76 -15.04 -4.18
CA VAL A 12 -22.75 -13.99 -4.03
C VAL A 12 -21.40 -14.71 -3.89
N LYS A 13 -20.49 -14.43 -4.80
CA LYS A 13 -19.18 -15.06 -4.78
C LYS A 13 -18.17 -13.97 -5.11
N PRO A 14 -16.97 -14.05 -4.56
CA PRO A 14 -15.93 -13.07 -4.89
C PRO A 14 -15.36 -13.38 -6.27
N ASN A 15 -14.58 -12.42 -6.76
CA ASN A 15 -13.99 -12.52 -8.09
C ASN A 15 -12.53 -12.09 -8.03
N TYR A 16 -11.80 -12.62 -7.05
CA TYR A 16 -10.39 -12.32 -6.92
C TYR A 16 -9.67 -12.55 -8.24
N ALA A 17 -8.85 -11.58 -8.60
CA ALA A 17 -8.10 -11.61 -9.85
C ALA A 17 -6.65 -11.28 -9.52
N LEU A 18 -5.72 -11.92 -10.21
CA LEU A 18 -4.29 -11.69 -9.94
C LEU A 18 -3.90 -10.28 -10.34
N LYS A 19 -3.26 -9.55 -9.43
CA LYS A 19 -2.77 -8.21 -9.69
C LYS A 19 -1.26 -8.13 -9.79
N PHE A 20 -0.53 -8.79 -8.91
CA PHE A 20 0.93 -8.68 -8.88
C PHE A 20 1.54 -10.01 -8.48
N THR A 21 2.68 -10.34 -9.07
CA THR A 21 3.55 -11.40 -8.57
C THR A 21 4.85 -10.79 -8.09
N LEU A 22 5.23 -11.07 -6.82
CA LEU A 22 6.32 -10.42 -6.07
C LEU A 22 7.47 -11.44 -6.00
N ALA A 23 8.50 -11.22 -6.80
CA ALA A 23 9.63 -12.15 -6.81
C ALA A 23 10.81 -11.51 -6.08
N GLY A 24 11.64 -12.34 -5.49
CA GLY A 24 12.83 -11.84 -4.84
C GLY A 24 13.36 -12.72 -3.72
N HIS A 25 12.50 -13.47 -3.05
CA HIS A 25 13.01 -14.44 -2.10
C HIS A 25 13.72 -15.55 -2.87
N THR A 26 14.80 -16.08 -2.30
CA THR A 26 15.61 -17.10 -2.98
C THR A 26 15.39 -18.51 -2.46
N LYS A 27 14.57 -18.67 -1.43
CA LYS A 27 14.06 -19.96 -0.97
C LYS A 27 12.56 -19.85 -0.73
N ALA A 28 11.95 -20.95 -0.29
CA ALA A 28 10.53 -20.92 0.06
C ALA A 28 10.14 -19.68 0.85
N VAL A 29 8.96 -19.12 0.52
CA VAL A 29 8.33 -18.15 1.41
C VAL A 29 7.65 -18.93 2.53
N SER A 30 7.62 -18.37 3.73
CA SER A 30 6.99 -19.05 4.85
C SER A 30 5.75 -18.34 5.38
N SER A 31 5.70 -17.02 5.33
CA SER A 31 4.56 -16.33 5.94
C SER A 31 4.45 -14.95 5.32
N VAL A 32 3.24 -14.52 4.97
CA VAL A 32 2.98 -13.14 4.60
C VAL A 32 1.93 -12.56 5.54
N LYS A 33 2.08 -11.28 5.86
CA LYS A 33 1.10 -10.58 6.70
C LYS A 33 0.99 -9.15 6.26
N PHE A 34 -0.23 -8.62 6.23
CA PHE A 34 -0.43 -7.20 5.97
C PHE A 34 -0.24 -6.40 7.26
N SER A 35 0.31 -5.19 7.11
CA SER A 35 0.36 -4.29 8.24
C SER A 35 -1.06 -3.85 8.65
N PRO A 36 -1.28 -3.63 9.96
CA PRO A 36 -2.61 -3.23 10.40
C PRO A 36 -3.12 -1.96 9.73
N ASN A 37 -2.24 -1.02 9.36
CA ASN A 37 -2.66 0.22 8.70
C ASN A 37 -2.86 0.04 7.19
N GLY A 38 -2.71 -1.18 6.69
CA GLY A 38 -3.00 -1.50 5.29
C GLY A 38 -1.96 -1.08 4.28
N GLU A 39 -0.87 -0.44 4.69
CA GLU A 39 0.08 0.11 3.74
C GLU A 39 1.01 -0.96 3.14
N TRP A 40 1.31 -1.97 3.93
CA TRP A 40 2.44 -2.85 3.64
C TRP A 40 2.06 -4.32 3.70
N LEU A 41 2.82 -5.13 2.94
CA LEU A 41 2.87 -6.56 3.15
C LEU A 41 4.28 -6.93 3.60
N ALA A 42 4.39 -7.70 4.68
CA ALA A 42 5.70 -8.26 5.04
C ALA A 42 5.72 -9.74 4.67
N SER A 43 6.84 -10.21 4.14
CA SER A 43 7.02 -11.63 3.85
C SER A 43 8.25 -12.15 4.57
N SER A 44 8.18 -13.37 5.06
CA SER A 44 9.35 -14.00 5.68
C SER A 44 9.69 -15.26 4.90
N SER A 45 10.93 -15.72 4.98
CA SER A 45 11.34 -16.80 4.10
C SER A 45 12.38 -17.70 4.75
N ALA A 46 12.44 -18.92 4.21
CA ALA A 46 13.55 -19.82 4.51
C ALA A 46 14.92 -19.25 4.13
N ASP A 47 14.95 -18.19 3.28
CA ASP A 47 16.18 -17.51 2.92
C ASP A 47 16.68 -16.57 3.98
N LYS A 48 16.09 -16.56 5.16
CA LYS A 48 16.51 -15.82 6.36
C LYS A 48 16.16 -14.35 6.26
N LEU A 49 15.36 -13.93 5.28
CA LEU A 49 15.11 -12.51 5.07
C LEU A 49 13.64 -12.20 5.29
N ILE A 50 13.40 -10.95 5.67
CA ILE A 50 12.06 -10.36 5.65
C ILE A 50 12.03 -9.35 4.52
N LYS A 51 10.95 -9.35 3.74
CA LYS A 51 10.84 -8.29 2.74
C LYS A 51 9.55 -7.51 2.94
N ILE A 52 9.60 -6.20 2.68
CA ILE A 52 8.45 -5.29 2.80
C ILE A 52 8.09 -4.82 1.41
N TRP A 53 6.77 -4.85 1.12
CA TRP A 53 6.23 -4.55 -0.20
C TRP A 53 5.01 -3.66 -0.04
N GLY A 54 4.75 -2.79 -1.02
CA GLY A 54 3.54 -1.97 -0.96
C GLY A 54 2.31 -2.82 -1.20
N ALA A 55 1.30 -2.65 -0.35
CA ALA A 55 0.14 -3.54 -0.43
C ALA A 55 -0.71 -3.25 -1.64
N TYR A 56 -0.64 -2.02 -2.18
CA TYR A 56 -1.56 -1.63 -3.22
C TYR A 56 -0.93 -1.59 -4.61
N ASP A 57 0.37 -1.40 -4.71
CA ASP A 57 1.04 -1.40 -6.01
C ASP A 57 2.09 -2.50 -6.10
N GLY A 58 2.23 -3.30 -5.06
CA GLY A 58 3.18 -4.38 -5.00
C GLY A 58 4.65 -3.99 -5.08
N LYS A 59 4.96 -2.71 -4.93
CA LYS A 59 6.34 -2.24 -5.11
C LYS A 59 7.21 -2.68 -3.95
N PHE A 60 8.35 -3.30 -4.28
CA PHE A 60 9.34 -3.67 -3.27
C PHE A 60 9.84 -2.46 -2.51
N GLU A 61 9.83 -2.56 -1.18
CA GLU A 61 10.28 -1.46 -0.32
C GLU A 61 11.66 -1.71 0.29
N LYS A 62 11.83 -2.85 0.96
CA LYS A 62 13.15 -3.05 1.56
C LYS A 62 13.30 -4.50 2.00
N THR A 63 14.55 -4.88 2.25
CA THR A 63 14.88 -6.18 2.86
C THR A 63 15.41 -5.95 4.27
N ILE A 64 14.95 -6.78 5.19
CA ILE A 64 15.36 -6.77 6.59
C ILE A 64 16.07 -8.09 6.88
N SER A 65 17.27 -8.00 7.43
CA SER A 65 18.09 -9.21 7.61
C SER A 65 18.76 -9.21 8.97
N GLY A 66 19.20 -10.40 9.38
CA GLY A 66 19.92 -10.57 10.62
C GLY A 66 19.72 -11.92 11.26
N HIS A 67 18.60 -12.60 11.01
CA HIS A 67 18.51 -13.99 11.46
C HIS A 67 19.58 -14.85 10.81
N LYS A 68 20.09 -15.82 11.56
CA LYS A 68 21.16 -16.60 10.97
C LYS A 68 20.70 -17.93 10.38
N LEU A 69 19.43 -18.27 10.54
CA LEU A 69 18.80 -19.40 9.90
C LEU A 69 17.44 -18.92 9.41
N GLY A 70 16.70 -19.81 8.73
CA GLY A 70 15.47 -19.41 8.09
C GLY A 70 14.39 -18.98 9.08
N ILE A 71 13.38 -18.30 8.53
CA ILE A 71 12.28 -17.72 9.30
C ILE A 71 11.00 -18.46 8.96
N SER A 72 10.24 -18.86 10.00
CA SER A 72 8.96 -19.53 9.81
C SER A 72 7.72 -18.64 9.97
N ASP A 73 7.86 -17.46 10.57
CA ASP A 73 6.68 -16.59 10.77
C ASP A 73 7.15 -15.17 10.99
N VAL A 74 6.24 -14.24 10.74
CA VAL A 74 6.48 -12.83 11.02
C VAL A 74 5.15 -12.21 11.41
N ALA A 75 5.22 -11.14 12.19
CA ALA A 75 3.98 -10.50 12.65
C ALA A 75 4.23 -9.03 12.93
N TRP A 76 3.18 -8.20 12.69
CA TRP A 76 3.21 -6.76 12.88
C TRP A 76 2.68 -6.33 14.25
N SER A 77 3.27 -5.27 14.79
CA SER A 77 2.71 -4.58 15.95
C SER A 77 1.47 -3.79 15.52
N SER A 78 0.62 -3.45 16.49
CA SER A 78 -0.66 -2.86 16.12
CA SER A 78 -0.66 -2.85 16.17
C SER A 78 -0.51 -1.49 15.49
N ASP A 79 0.59 -0.79 15.75
CA ASP A 79 0.80 0.51 15.14
C ASP A 79 1.58 0.42 13.83
N SER A 80 1.80 -0.81 13.32
CA SER A 80 2.49 -1.06 12.05
C SER A 80 3.96 -0.62 12.08
N ASN A 81 4.52 -0.34 13.27
CA ASN A 81 5.88 0.22 13.35
C ASN A 81 6.93 -0.84 13.62
N LEU A 82 6.53 -1.97 14.20
CA LEU A 82 7.45 -3.05 14.55
C LEU A 82 7.04 -4.33 13.86
N LEU A 83 8.03 -5.21 13.69
CA LEU A 83 7.74 -6.58 13.28
C LEU A 83 8.37 -7.50 14.29
N VAL A 84 7.84 -8.70 14.44
CA VAL A 84 8.56 -9.74 15.16
C VAL A 84 8.66 -10.94 14.24
N SER A 85 9.78 -11.66 14.30
CA SER A 85 9.99 -12.81 13.46
C SER A 85 10.42 -14.00 14.29
N ALA A 86 10.06 -15.20 13.82
CA ALA A 86 10.38 -16.46 14.50
C ALA A 86 11.30 -17.30 13.63
N SER A 87 12.43 -17.76 14.18
CA SER A 87 13.44 -18.36 13.31
C SER A 87 13.88 -19.74 13.78
N ASP A 88 14.40 -20.52 12.83
CA ASP A 88 15.07 -21.78 13.16
C ASP A 88 16.30 -21.56 14.03
N ASP A 89 16.81 -20.33 14.11
CA ASP A 89 17.94 -20.06 14.98
C ASP A 89 17.56 -19.98 16.49
N LYS A 90 16.35 -20.37 16.85
CA LYS A 90 15.85 -20.52 18.24
C LYS A 90 15.51 -19.16 18.83
N THR A 91 15.54 -18.07 18.05
CA THR A 91 15.23 -16.74 18.55
C THR A 91 14.03 -16.14 17.83
N LEU A 92 13.45 -15.14 18.50
CA LEU A 92 12.65 -14.17 17.76
C LEU A 92 13.43 -12.87 17.69
N LYS A 93 13.16 -12.06 16.67
CA LYS A 93 13.76 -10.73 16.63
C LYS A 93 12.64 -9.71 16.47
N ILE A 94 12.77 -8.59 17.21
CA ILE A 94 11.89 -7.43 17.06
C ILE A 94 12.63 -6.42 16.20
N TRP A 95 11.96 -5.95 15.14
CA TRP A 95 12.54 -5.08 14.14
C TRP A 95 11.82 -3.73 14.11
N ASP A 96 12.62 -2.67 13.94
CA ASP A 96 12.04 -1.37 13.61
C ASP A 96 11.83 -1.33 12.10
N VAL A 97 10.58 -1.25 11.66
CA VAL A 97 10.30 -1.33 10.23
C VAL A 97 10.93 -0.16 9.49
N SER A 98 10.88 1.04 10.08
CA SER A 98 11.37 2.22 9.38
C SER A 98 12.87 2.14 9.12
N SER A 99 13.66 1.71 10.10
CA SER A 99 15.11 1.68 9.98
C SER A 99 15.63 0.32 9.51
N GLY A 100 14.85 -0.72 9.68
CA GLY A 100 15.32 -2.05 9.37
C GLY A 100 16.19 -2.67 10.45
N LYS A 101 16.32 -2.01 11.59
CA LYS A 101 17.26 -2.43 12.60
C LYS A 101 16.59 -3.44 13.52
N CYS A 102 17.38 -4.41 13.96
CA CYS A 102 16.93 -5.34 14.99
C CYS A 102 17.02 -4.63 16.34
N LEU A 103 15.88 -4.43 16.98
CA LEU A 103 15.86 -3.75 18.27
C LEU A 103 16.08 -4.71 19.40
N LYS A 104 15.56 -5.93 19.28
CA LYS A 104 15.70 -6.87 20.40
C LYS A 104 15.85 -8.28 19.81
N THR A 105 16.67 -9.11 20.44
CA THR A 105 16.66 -10.55 20.16
C THR A 105 16.12 -11.28 21.38
N LEU A 106 15.04 -12.06 21.18
CA LEU A 106 14.33 -12.78 22.22
C LEU A 106 14.85 -14.21 22.27
N LYS A 107 15.58 -14.50 23.34
CA LYS A 107 16.29 -15.75 23.57
C LYS A 107 15.63 -16.53 24.70
N GLY A 108 15.55 -17.85 24.53
CA GLY A 108 15.02 -18.71 25.58
C GLY A 108 14.39 -19.99 25.05
N HIS A 109 13.85 -19.98 23.84
CA HIS A 109 13.40 -21.25 23.30
C HIS A 109 14.63 -22.12 23.03
N SER A 110 14.43 -23.43 23.12
CA SER A 110 15.52 -24.38 22.95
C SER A 110 15.43 -25.16 21.64
N ASN A 111 14.53 -24.78 20.75
CA ASN A 111 14.42 -25.40 19.43
C ASN A 111 13.74 -24.36 18.51
N TYR A 112 13.48 -24.76 17.26
CA TYR A 112 13.02 -23.78 16.26
C TYR A 112 11.83 -23.00 16.80
N VAL A 113 11.81 -21.70 16.57
CA VAL A 113 10.59 -20.92 16.85
C VAL A 113 9.76 -20.92 15.58
N PHE A 114 8.50 -21.27 15.72
CA PHE A 114 7.66 -21.62 14.59
C PHE A 114 6.64 -20.56 14.29
N CYS A 115 6.15 -19.87 15.32
CA CYS A 115 5.00 -18.99 15.15
C CYS A 115 5.07 -17.85 16.16
N CYS A 116 4.48 -16.70 15.82
CA CYS A 116 4.57 -15.56 16.73
C CYS A 116 3.46 -14.58 16.43
N ASN A 117 3.17 -13.74 17.42
CA ASN A 117 2.16 -12.69 17.29
C ASN A 117 2.32 -11.69 18.41
N PHE A 118 2.03 -10.44 18.10
CA PHE A 118 1.81 -9.42 19.12
C PHE A 118 0.39 -9.50 19.67
N ASN A 119 0.21 -9.01 20.89
CA ASN A 119 -1.15 -8.78 21.37
C ASN A 119 -1.66 -7.46 20.83
N PRO A 120 -2.97 -7.21 20.93
CA PRO A 120 -3.49 -5.94 20.38
C PRO A 120 -2.87 -4.72 20.98
N GLN A 121 -2.63 -4.73 22.29
CA GLN A 121 -1.95 -3.62 22.99
C GLN A 121 -0.53 -3.45 22.46
N SER A 122 0.02 -4.54 21.96
CA SER A 122 1.37 -4.68 21.42
C SER A 122 2.43 -4.41 22.48
N ASN A 123 2.11 -4.72 23.76
CA ASN A 123 3.13 -4.73 24.79
C ASN A 123 3.63 -6.15 25.09
N LEU A 124 3.03 -7.17 24.47
CA LEU A 124 3.48 -8.56 24.60
C LEU A 124 3.62 -9.20 23.22
N ILE A 125 4.52 -10.19 23.16
CA ILE A 125 4.61 -11.11 22.03
C ILE A 125 4.40 -12.52 22.55
N VAL A 126 3.66 -13.32 21.79
CA VAL A 126 3.55 -14.74 22.10
C VAL A 126 4.28 -15.53 21.03
N SER A 127 4.94 -16.62 21.41
CA SER A 127 5.65 -17.45 20.47
C SER A 127 5.36 -18.92 20.76
N GLY A 128 5.44 -19.74 19.71
CA GLY A 128 5.38 -21.18 19.87
C GLY A 128 6.56 -21.81 19.16
N SER A 129 6.99 -22.96 19.68
CA SER A 129 8.26 -23.54 19.29
C SER A 129 8.18 -25.05 19.13
N PHE A 130 9.14 -25.59 18.38
CA PHE A 130 9.38 -27.03 18.36
C PHE A 130 9.73 -27.57 19.72
N ASP A 131 10.12 -26.72 20.66
CA ASP A 131 10.40 -27.21 22.02
C ASP A 131 9.14 -27.46 22.84
N GLU A 132 7.95 -27.31 22.24
CA GLU A 132 6.64 -27.71 22.79
C GLU A 132 6.12 -26.69 23.78
N SER A 133 6.79 -25.56 23.91
CA SER A 133 6.35 -24.49 24.82
C SER A 133 5.77 -23.31 24.05
N VAL A 134 4.98 -22.55 24.80
CA VAL A 134 4.50 -21.24 24.38
C VAL A 134 5.13 -20.23 25.32
N ARG A 135 5.78 -19.21 24.77
CA ARG A 135 6.42 -18.19 25.60
C ARG A 135 5.74 -16.84 25.41
N ILE A 136 5.64 -16.08 26.50
CA ILE A 136 5.09 -14.72 26.49
C ILE A 136 6.21 -13.78 26.88
N TRP A 137 6.45 -12.77 26.02
CA TRP A 137 7.57 -11.85 26.08
C TRP A 137 7.12 -10.41 26.25
N ASP A 138 7.89 -9.65 27.03
CA ASP A 138 7.71 -8.22 27.17
C ASP A 138 8.38 -7.51 25.99
N VAL A 139 7.58 -6.81 25.19
CA VAL A 139 8.10 -6.13 24.01
C VAL A 139 9.12 -5.08 24.39
N LYS A 140 8.84 -4.31 25.45
CA LYS A 140 9.68 -3.17 25.79
C LYS A 140 11.08 -3.62 26.23
N THR A 141 11.17 -4.65 27.06
CA THR A 141 12.43 -5.12 27.61
C THR A 141 13.00 -6.32 26.87
N GLY A 142 12.17 -7.10 26.19
CA GLY A 142 12.64 -8.35 25.62
C GLY A 142 12.65 -9.52 26.59
N LYS A 143 12.28 -9.31 27.85
CA LYS A 143 12.33 -10.39 28.81
C LYS A 143 11.23 -11.38 28.52
N CYS A 144 11.51 -12.64 28.79
CA CYS A 144 10.48 -13.66 28.73
C CYS A 144 9.73 -13.59 30.06
N LEU A 145 8.44 -13.35 30.02
CA LEU A 145 7.66 -13.21 31.23
C LEU A 145 7.12 -14.55 31.72
N LYS A 146 6.71 -15.41 30.79
CA LYS A 146 6.17 -16.73 31.12
C LYS A 146 6.56 -17.76 30.08
N THR A 147 6.82 -18.98 30.54
CA THR A 147 6.95 -20.13 29.68
C THR A 147 5.84 -21.09 30.05
N LEU A 148 4.96 -21.36 29.13
CA LEU A 148 3.83 -22.27 29.30
C LEU A 148 4.21 -23.62 28.76
N PRO A 149 4.04 -24.67 29.55
CA PRO A 149 4.26 -26.06 29.06
C PRO A 149 3.04 -26.52 28.27
N ALA A 150 2.93 -25.96 27.07
CA ALA A 150 1.64 -25.87 26.43
C ALA A 150 1.20 -27.19 25.80
N HIS A 151 2.17 -27.94 25.25
CA HIS A 151 1.84 -29.04 24.36
C HIS A 151 2.87 -30.14 24.50
N SER A 152 2.59 -31.28 23.87
CA SER A 152 3.52 -32.40 23.98
C SER A 152 4.19 -32.69 22.64
N ASP A 153 4.15 -31.74 21.71
CA ASP A 153 4.77 -31.83 20.40
C ASP A 153 4.92 -30.41 19.88
N PRO A 154 5.54 -30.18 18.73
CA PRO A 154 5.73 -28.79 18.29
C PRO A 154 4.44 -27.97 18.23
N VAL A 155 4.56 -26.70 18.61
CA VAL A 155 3.45 -25.76 18.61
C VAL A 155 3.38 -25.10 17.24
N SER A 156 2.25 -25.26 16.56
CA SER A 156 2.14 -24.82 15.17
C SER A 156 1.58 -23.43 15.02
N ALA A 157 0.86 -22.93 16.02
CA ALA A 157 0.28 -21.60 15.90
C ALA A 157 0.02 -21.03 17.30
N VAL A 158 0.07 -19.69 17.39
CA VAL A 158 -0.30 -18.97 18.62
C VAL A 158 -0.97 -17.68 18.20
N HIS A 159 -2.03 -17.28 18.93
CA HIS A 159 -2.77 -16.08 18.52
C HIS A 159 -3.47 -15.49 19.73
N PHE A 160 -3.47 -14.16 19.82
CA PHE A 160 -4.24 -13.49 20.86
C PHE A 160 -5.66 -13.20 20.35
N ASN A 161 -6.62 -13.14 21.28
CA ASN A 161 -7.96 -12.70 20.92
C ASN A 161 -8.00 -11.17 20.90
N ARG A 162 -9.18 -10.60 20.65
CA ARG A 162 -9.29 -9.16 20.37
C ARG A 162 -8.81 -8.26 21.50
N ASP A 163 -9.02 -8.64 22.74
CA ASP A 163 -8.53 -7.79 23.83
C ASP A 163 -7.22 -8.28 24.45
N GLY A 164 -6.64 -9.34 23.92
CA GLY A 164 -5.39 -9.84 24.44
C GLY A 164 -5.51 -10.71 25.68
N SER A 165 -6.72 -10.89 26.18
CA SER A 165 -6.90 -11.60 27.45
C SER A 165 -6.76 -13.11 27.29
N LEU A 166 -6.83 -13.60 26.06
CA LEU A 166 -6.71 -15.03 25.79
C LEU A 166 -5.67 -15.27 24.71
N ILE A 167 -5.03 -16.44 24.79
CA ILE A 167 -4.16 -16.96 23.76
C ILE A 167 -4.73 -18.29 23.32
N VAL A 168 -4.75 -18.54 22.02
CA VAL A 168 -5.04 -19.88 21.53
C VAL A 168 -3.78 -20.43 20.91
N SER A 169 -3.52 -21.73 21.17
CA SER A 169 -2.36 -22.42 20.64
C SER A 169 -2.82 -23.73 20.03
N SER A 170 -2.07 -24.18 19.04
CA SER A 170 -2.33 -25.47 18.41
C SER A 170 -1.04 -26.27 18.30
N SER A 171 -1.18 -27.57 18.14
CA SER A 171 0.01 -28.43 18.15
C SER A 171 -0.18 -29.68 17.32
N TYR A 172 0.96 -30.25 16.87
CA TYR A 172 1.02 -31.60 16.33
C TYR A 172 0.52 -32.66 17.31
N ASP A 173 0.42 -32.33 18.59
CA ASP A 173 -0.10 -33.26 19.56
C ASP A 173 -1.59 -33.47 19.42
N GLY A 174 -2.25 -32.75 18.53
CA GLY A 174 -3.65 -32.99 18.26
C GLY A 174 -4.57 -32.05 19.04
N LEU A 175 -4.03 -31.14 19.82
CA LEU A 175 -4.84 -30.33 20.72
C LEU A 175 -4.87 -28.88 20.28
N CYS A 176 -5.98 -28.22 20.58
CA CYS A 176 -6.03 -26.76 20.63
CA CYS A 176 -6.02 -26.77 20.62
C CYS A 176 -6.25 -26.36 22.07
N ARG A 177 -5.50 -25.37 22.56
CA ARG A 177 -5.74 -24.94 23.94
C ARG A 177 -5.93 -23.43 24.01
N ILE A 178 -6.75 -23.05 24.96
CA ILE A 178 -7.05 -21.65 25.29
C ILE A 178 -6.45 -21.35 26.63
N TRP A 179 -5.65 -20.27 26.67
CA TRP A 179 -4.89 -19.84 27.84
C TRP A 179 -5.30 -18.45 28.28
N ASP A 180 -5.33 -18.27 29.59
CA ASP A 180 -5.53 -16.96 30.21
C ASP A 180 -4.20 -16.21 30.13
N THR A 181 -4.14 -15.12 29.36
CA THR A 181 -2.85 -14.42 29.22
C THR A 181 -2.27 -14.01 30.56
N ALA A 182 -3.09 -13.46 31.47
CA ALA A 182 -2.52 -12.86 32.66
C ALA A 182 -1.89 -13.91 33.56
N SER A 183 -2.52 -15.09 33.69
CA SER A 183 -2.05 -16.07 34.66
C SER A 183 -1.30 -17.20 34.00
N GLY A 184 -1.47 -17.38 32.70
CA GLY A 184 -0.86 -18.52 32.02
C GLY A 184 -1.60 -19.83 32.22
N GLN A 185 -2.77 -19.82 32.85
CA GLN A 185 -3.46 -21.08 33.08
C GLN A 185 -4.33 -21.44 31.88
N CYS A 186 -4.39 -22.74 31.65
CA CYS A 186 -5.20 -23.29 30.57
C CYS A 186 -6.66 -23.27 30.96
N LEU A 187 -7.45 -22.59 30.14
CA LEU A 187 -8.89 -22.47 30.37
C LEU A 187 -9.68 -23.51 29.61
N LYS A 188 -9.16 -24.01 28.48
CA LYS A 188 -9.96 -24.98 27.72
C LYS A 188 -9.06 -25.81 26.82
N THR A 189 -9.39 -27.11 26.68
CA THR A 189 -8.70 -27.96 25.70
C THR A 189 -9.73 -28.53 24.74
N LEU A 190 -9.53 -28.32 23.45
CA LEU A 190 -10.37 -28.89 22.41
C LEU A 190 -9.68 -30.16 21.93
N ILE A 191 -10.44 -31.25 21.93
CA ILE A 191 -9.92 -32.59 21.63
C ILE A 191 -10.74 -33.24 20.52
N ASP A 192 -10.04 -34.02 19.69
CA ASP A 192 -10.62 -34.89 18.68
C ASP A 192 -10.15 -36.32 18.97
N ASP A 193 -11.07 -37.28 18.85
CA ASP A 193 -10.76 -38.66 19.19
C ASP A 193 -9.68 -39.25 18.27
N ASP A 194 -9.65 -38.84 17.01
CA ASP A 194 -8.63 -39.31 16.08
C ASP A 194 -7.30 -38.58 16.23
N ASN A 195 -7.28 -37.50 17.02
CA ASN A 195 -6.09 -36.72 17.35
C ASN A 195 -5.25 -36.33 16.13
N PRO A 196 -5.83 -35.89 15.00
CA PRO A 196 -4.98 -35.46 13.91
C PRO A 196 -4.20 -34.21 14.32
N PRO A 197 -2.97 -34.07 13.82
CA PRO A 197 -2.21 -32.85 14.13
C PRO A 197 -3.01 -31.62 13.79
N VAL A 198 -2.97 -30.64 14.68
CA VAL A 198 -3.58 -29.35 14.42
C VAL A 198 -2.48 -28.44 13.93
N SER A 199 -2.62 -27.95 12.71
CA SER A 199 -1.53 -27.29 12.02
C SER A 199 -1.67 -25.79 11.99
N PHE A 200 -2.83 -25.28 12.44
CA PHE A 200 -3.07 -23.86 12.46
C PHE A 200 -4.28 -23.57 13.31
N VAL A 201 -4.24 -22.43 13.97
CA VAL A 201 -5.44 -21.95 14.66
C VAL A 201 -5.36 -20.43 14.75
N LYS A 202 -6.53 -19.80 14.76
CA LYS A 202 -6.59 -18.36 15.11
C LYS A 202 -7.98 -18.00 15.55
N PHE A 203 -8.09 -16.92 16.33
CA PHE A 203 -9.40 -16.42 16.72
C PHE A 203 -10.05 -15.70 15.54
N SER A 204 -11.39 -15.74 15.49
CA SER A 204 -12.16 -14.90 14.58
C SER A 204 -11.95 -13.44 14.96
N PRO A 205 -12.16 -12.50 14.03
CA PRO A 205 -11.97 -11.08 14.36
C PRO A 205 -12.69 -10.62 15.62
N ASN A 206 -13.87 -11.15 15.92
CA ASN A 206 -14.56 -10.79 17.14
C ASN A 206 -14.17 -11.60 18.37
N GLY A 207 -13.38 -12.65 18.21
CA GLY A 207 -12.90 -13.39 19.36
C GLY A 207 -13.79 -14.50 19.88
N LYS A 208 -14.98 -14.67 19.31
CA LYS A 208 -15.93 -15.65 19.82
C LYS A 208 -15.68 -17.07 19.30
N TYR A 209 -15.01 -17.21 18.16
CA TYR A 209 -14.76 -18.51 17.53
C TYR A 209 -13.27 -18.70 17.31
N ILE A 210 -12.88 -19.96 17.10
CA ILE A 210 -11.55 -20.24 16.57
C ILE A 210 -11.66 -21.04 15.29
N LEU A 211 -10.78 -20.75 14.34
CA LEU A 211 -10.64 -21.52 13.13
C LEU A 211 -9.42 -22.41 13.27
N ALA A 212 -9.58 -23.71 13.10
CA ALA A 212 -8.49 -24.67 13.32
C ALA A 212 -8.32 -25.57 12.11
N ALA A 213 -7.08 -25.71 11.66
CA ALA A 213 -6.74 -26.60 10.57
C ALA A 213 -6.14 -27.86 11.13
N THR A 214 -6.52 -29.01 10.58
CA THR A 214 -5.89 -30.28 10.96
C THR A 214 -5.32 -30.92 9.71
N LEU A 215 -4.27 -31.75 9.89
CA LEU A 215 -3.57 -32.36 8.75
C LEU A 215 -4.32 -33.58 8.21
N ASP A 216 -5.62 -33.42 8.07
CA ASP A 216 -6.51 -34.35 7.43
C ASP A 216 -7.39 -33.61 6.44
N ASN A 217 -6.83 -32.57 5.85
CA ASN A 217 -7.47 -31.82 4.77
C ASN A 217 -8.74 -31.13 5.24
N THR A 218 -8.73 -30.64 6.49
CA THR A 218 -9.95 -30.13 7.09
C THR A 218 -9.71 -28.84 7.87
N LEU A 219 -10.60 -27.85 7.68
CA LEU A 219 -10.65 -26.68 8.54
C LEU A 219 -11.95 -26.74 9.34
N LYS A 220 -11.89 -26.30 10.59
CA LYS A 220 -13.10 -26.24 11.40
C LYS A 220 -13.29 -24.95 12.16
N LEU A 221 -14.52 -24.49 12.21
CA LEU A 221 -14.89 -23.33 13.00
C LEU A 221 -15.51 -23.83 14.28
N TRP A 222 -14.91 -23.45 15.41
CA TRP A 222 -15.31 -23.90 16.74
C TRP A 222 -15.87 -22.73 17.55
N ASP A 223 -16.94 -23.00 18.30
CA ASP A 223 -17.31 -22.14 19.42
C ASP A 223 -16.56 -22.75 20.60
N TYR A 224 -15.44 -22.13 20.99
CA TYR A 224 -14.54 -22.83 21.91
C TYR A 224 -15.09 -22.90 23.33
N SER A 225 -15.92 -21.95 23.76
CA SER A 225 -16.47 -22.03 25.11
C SER A 225 -17.40 -23.22 25.25
N LYS A 226 -18.29 -23.42 24.26
CA LYS A 226 -19.17 -24.58 24.27
C LYS A 226 -18.45 -25.84 23.81
N GLY A 227 -17.28 -25.70 23.21
CA GLY A 227 -16.60 -26.88 22.69
C GLY A 227 -17.39 -27.52 21.58
N LYS A 228 -18.00 -26.71 20.72
CA LYS A 228 -18.84 -27.23 19.65
C LYS A 228 -18.24 -26.79 18.34
N CYS A 229 -18.08 -27.76 17.44
CA CYS A 229 -17.70 -27.44 16.07
C CYS A 229 -18.93 -26.99 15.30
N LEU A 230 -18.91 -25.75 14.81
CA LEU A 230 -20.03 -25.14 14.12
C LEU A 230 -19.97 -25.36 12.61
N LYS A 231 -18.77 -25.37 12.04
CA LYS A 231 -18.64 -25.49 10.60
C LYS A 231 -17.39 -26.29 10.26
N THR A 232 -17.42 -26.99 9.14
CA THR A 232 -16.23 -27.59 8.56
C THR A 232 -16.07 -27.19 7.10
N TYR A 233 -14.83 -27.01 6.69
CA TYR A 233 -14.49 -26.61 5.33
C TYR A 233 -13.53 -27.65 4.76
N THR A 234 -13.87 -28.17 3.59
CA THR A 234 -13.07 -29.23 2.94
C THR A 234 -12.96 -28.94 1.43
N GLY A 235 -12.18 -29.76 0.74
CA GLY A 235 -11.96 -29.66 -0.70
C GLY A 235 -10.52 -29.35 -1.06
N HIS A 236 -9.77 -28.75 -0.13
CA HIS A 236 -8.38 -28.42 -0.29
C HIS A 236 -7.53 -29.61 0.17
N LYS A 237 -6.22 -29.50 -0.01
CA LYS A 237 -5.27 -30.55 0.36
C LYS A 237 -4.38 -30.02 1.45
N ASN A 238 -4.38 -30.69 2.61
CA ASN A 238 -3.51 -30.24 3.70
C ASN A 238 -3.25 -31.46 4.58
N GLU A 239 -2.13 -32.14 4.30
CA GLU A 239 -1.71 -33.30 5.06
C GLU A 239 -0.30 -33.17 5.64
N LYS A 240 0.43 -32.15 5.27
CA LYS A 240 1.86 -32.09 5.57
C LYS A 240 2.31 -30.79 6.19
N TYR A 241 1.80 -29.65 5.73
CA TYR A 241 2.36 -28.37 6.10
C TYR A 241 1.42 -27.57 6.98
N CYS A 242 2.01 -26.67 7.75
CA CYS A 242 1.24 -25.77 8.62
C CYS A 242 0.89 -24.54 7.79
N ILE A 243 -0.29 -24.60 7.18
CA ILE A 243 -0.74 -23.58 6.22
C ILE A 243 -1.61 -22.56 6.97
N PHE A 244 -1.32 -21.27 6.77
CA PHE A 244 -2.16 -20.23 7.37
C PHE A 244 -3.54 -20.19 6.73
N ALA A 245 -4.57 -19.95 7.53
CA ALA A 245 -5.92 -19.71 7.05
C ALA A 245 -6.41 -18.41 7.69
N ASN A 246 -7.51 -17.89 7.15
CA ASN A 246 -7.94 -16.54 7.50
C ASN A 246 -9.44 -16.39 7.45
N PHE A 247 -9.93 -15.44 8.24
CA PHE A 247 -11.24 -14.87 8.02
C PHE A 247 -11.10 -13.64 7.13
N SER A 248 -11.90 -13.57 6.09
CA SER A 248 -11.96 -12.39 5.23
C SER A 248 -13.29 -11.70 5.51
N VAL A 249 -13.24 -10.43 5.90
CA VAL A 249 -14.45 -9.75 6.38
C VAL A 249 -14.66 -8.38 5.74
N THR A 250 -13.78 -7.94 4.83
CA THR A 250 -13.91 -6.61 4.22
C THR A 250 -15.06 -6.56 3.22
N GLY A 251 -15.37 -7.69 2.60
CA GLY A 251 -16.51 -7.78 1.72
C GLY A 251 -17.48 -8.86 2.18
N GLY A 252 -17.67 -9.89 1.37
CA GLY A 252 -18.41 -11.03 1.85
C GLY A 252 -17.64 -11.72 2.95
N LYS A 253 -18.31 -12.58 3.72
CA LYS A 253 -17.65 -13.23 4.86
C LYS A 253 -17.13 -14.60 4.41
N TRP A 254 -15.82 -14.69 4.23
CA TRP A 254 -15.21 -15.89 3.66
C TRP A 254 -14.20 -16.46 4.63
N ILE A 255 -13.87 -17.73 4.37
CA ILE A 255 -12.70 -18.39 4.91
C ILE A 255 -11.71 -18.55 3.77
N VAL A 256 -10.44 -18.22 4.00
CA VAL A 256 -9.41 -18.27 2.96
C VAL A 256 -8.28 -19.16 3.45
N SER A 257 -7.78 -20.07 2.61
CA SER A 257 -6.65 -20.90 3.02
C SER A 257 -5.77 -21.19 1.83
N GLY A 258 -4.49 -21.44 2.09
CA GLY A 258 -3.64 -22.11 1.11
C GLY A 258 -3.96 -23.61 1.01
N SER A 259 -3.25 -24.29 0.12
CA SER A 259 -3.48 -25.70 -0.16
C SER A 259 -2.23 -26.33 -0.73
N GLU A 260 -2.10 -27.64 -0.52
CA GLU A 260 -0.97 -28.37 -1.06
C GLU A 260 -1.14 -28.75 -2.51
N ASP A 261 -2.27 -28.40 -3.13
CA ASP A 261 -2.42 -28.56 -4.57
C ASP A 261 -2.17 -27.26 -5.31
N ASN A 262 -1.49 -26.31 -4.66
CA ASN A 262 -0.95 -25.10 -5.25
C ASN A 262 -2.03 -24.05 -5.47
N LEU A 263 -3.20 -24.19 -4.84
CA LEU A 263 -4.32 -23.26 -5.03
C LEU A 263 -4.64 -22.52 -3.75
N VAL A 264 -5.21 -21.32 -3.89
CA VAL A 264 -5.87 -20.66 -2.77
C VAL A 264 -7.34 -21.05 -2.78
N TYR A 265 -7.87 -21.50 -1.64
CA TYR A 265 -9.28 -21.85 -1.52
C TYR A 265 -10.03 -20.75 -0.77
N ILE A 266 -11.21 -20.41 -1.26
CA ILE A 266 -12.09 -19.47 -0.58
C ILE A 266 -13.45 -20.13 -0.44
N TRP A 267 -13.94 -20.17 0.80
CA TRP A 267 -15.26 -20.68 1.14
C TRP A 267 -16.16 -19.60 1.69
N ASN A 268 -17.46 -19.81 1.50
CA ASN A 268 -18.49 -19.04 2.17
C ASN A 268 -18.53 -19.49 3.63
N LEU A 269 -18.24 -18.57 4.56
CA LEU A 269 -18.11 -18.97 5.97
C LEU A 269 -19.35 -19.69 6.46
N GLN A 270 -20.54 -19.20 6.08
CA GLN A 270 -21.78 -19.70 6.64
C GLN A 270 -22.25 -20.96 5.92
N THR A 271 -22.15 -21.00 4.62
CA THR A 271 -22.69 -22.14 3.89
C THR A 271 -21.68 -23.26 3.70
N LYS A 272 -20.40 -22.95 3.86
CA LYS A 272 -19.29 -23.89 3.72
C LYS A 272 -19.00 -24.23 2.26
N GLU A 273 -19.71 -23.64 1.29
CA GLU A 273 -19.39 -23.92 -0.11
C GLU A 273 -18.10 -23.25 -0.52
N ILE A 274 -17.32 -23.94 -1.35
CA ILE A 274 -16.21 -23.31 -2.02
C ILE A 274 -16.75 -22.31 -3.02
N VAL A 275 -16.31 -21.06 -2.92
CA VAL A 275 -16.76 -20.03 -3.84
C VAL A 275 -15.70 -19.62 -4.84
N GLN A 276 -14.42 -19.83 -4.55
CA GLN A 276 -13.40 -19.54 -5.55
C GLN A 276 -12.15 -20.36 -5.24
N LYS A 277 -11.41 -20.71 -6.29
CA LYS A 277 -10.07 -21.27 -6.20
C LYS A 277 -9.14 -20.42 -7.06
N LEU A 278 -8.04 -19.96 -6.49
CA LEU A 278 -7.11 -19.07 -7.19
C LEU A 278 -5.94 -19.88 -7.69
N GLN A 279 -5.78 -19.89 -9.00
CA GLN A 279 -4.75 -20.66 -9.67
C GLN A 279 -3.61 -19.76 -10.11
N GLY A 280 -2.40 -20.28 -10.02
CA GLY A 280 -1.23 -19.62 -10.54
C GLY A 280 0.07 -19.94 -9.82
N HIS A 281 0.02 -20.26 -8.54
CA HIS A 281 1.22 -20.71 -7.86
C HIS A 281 1.61 -22.09 -8.38
N THR A 282 2.91 -22.40 -8.25
CA THR A 282 3.53 -23.62 -8.76
C THR A 282 4.10 -24.48 -7.64
N ASP A 283 3.67 -24.22 -6.41
CA ASP A 283 4.05 -25.06 -5.31
C ASP A 283 3.01 -24.83 -4.22
N VAL A 284 3.12 -25.60 -3.15
CA VAL A 284 2.23 -25.48 -2.01
C VAL A 284 2.04 -24.03 -1.62
N VAL A 285 0.78 -23.60 -1.49
CA VAL A 285 0.51 -22.27 -0.99
C VAL A 285 0.52 -22.35 0.53
N ILE A 286 1.65 -21.99 1.14
CA ILE A 286 1.88 -22.15 2.58
C ILE A 286 1.20 -21.04 3.35
N SER A 287 1.02 -19.87 2.72
CA SER A 287 0.54 -18.74 3.50
C SER A 287 -0.43 -17.92 2.69
N THR A 288 -1.48 -17.44 3.35
CA THR A 288 -2.40 -16.45 2.80
C THR A 288 -2.67 -15.43 3.87
N ALA A 289 -2.95 -14.21 3.43
CA ALA A 289 -3.31 -13.13 4.35
C ALA A 289 -4.41 -12.31 3.70
N CYS A 290 -5.25 -11.70 4.52
CA CYS A 290 -6.35 -10.86 4.03
C CYS A 290 -6.10 -9.41 4.47
N HIS A 291 -6.24 -8.48 3.54
CA HIS A 291 -5.99 -7.08 3.85
C HIS A 291 -7.02 -6.54 4.86
N PRO A 292 -6.61 -5.63 5.75
CA PRO A 292 -7.53 -5.19 6.82
C PRO A 292 -8.73 -4.39 6.33
N THR A 293 -8.63 -3.69 5.20
CA THR A 293 -9.74 -2.83 4.75
C THR A 293 -10.17 -3.04 3.31
N GLU A 294 -9.33 -3.55 2.43
CA GLU A 294 -9.67 -3.77 1.02
C GLU A 294 -9.87 -5.28 0.78
N ASN A 295 -10.61 -5.63 -0.28
CA ASN A 295 -10.76 -7.04 -0.65
C ASN A 295 -9.51 -7.49 -1.41
N ILE A 296 -8.43 -7.66 -0.66
CA ILE A 296 -7.13 -8.05 -1.20
C ILE A 296 -6.61 -9.25 -0.43
N ILE A 297 -6.14 -10.27 -1.17
CA ILE A 297 -5.49 -11.44 -0.59
C ILE A 297 -4.04 -11.44 -1.03
N ALA A 298 -3.16 -11.78 -0.08
CA ALA A 298 -1.78 -12.11 -0.41
C ALA A 298 -1.61 -13.60 -0.23
N SER A 299 -0.86 -14.23 -1.15
CA SER A 299 -0.60 -15.67 -1.03
C SER A 299 0.87 -15.92 -1.31
N ALA A 300 1.43 -16.98 -0.74
CA ALA A 300 2.81 -17.26 -1.03
C ALA A 300 3.08 -18.75 -0.96
N ALA A 301 4.12 -19.16 -1.71
CA ALA A 301 4.33 -20.58 -1.96
C ALA A 301 5.76 -21.03 -1.66
N LEU A 302 5.92 -22.35 -1.63
CA LEU A 302 7.17 -22.99 -1.25
C LEU A 302 8.19 -23.01 -2.41
N GLU A 303 9.23 -23.86 -2.27
CA GLU A 303 10.51 -23.70 -2.97
C GLU A 303 10.43 -23.76 -4.49
N ASN A 304 9.45 -24.47 -5.07
CA ASN A 304 9.40 -24.50 -6.53
C ASN A 304 8.83 -23.21 -7.10
N ASP A 305 8.36 -22.34 -6.24
CA ASP A 305 7.68 -21.12 -6.67
C ASP A 305 8.37 -19.87 -6.13
N LYS A 306 8.43 -19.72 -4.81
CA LYS A 306 9.16 -18.68 -4.08
C LYS A 306 8.56 -17.29 -4.29
N THR A 307 7.38 -17.17 -4.87
CA THR A 307 6.77 -15.85 -5.10
C THR A 307 5.59 -15.63 -4.16
N ILE A 308 5.21 -14.36 -4.09
CA ILE A 308 4.03 -13.89 -3.37
C ILE A 308 3.12 -13.35 -4.45
N LYS A 309 1.83 -13.66 -4.39
CA LYS A 309 0.88 -13.06 -5.31
C LYS A 309 -0.16 -12.19 -4.59
N LEU A 310 -0.53 -11.09 -5.20
CA LEU A 310 -1.54 -10.20 -4.63
C LEU A 310 -2.74 -10.27 -5.54
N TRP A 311 -3.91 -10.47 -4.94
CA TRP A 311 -5.18 -10.67 -5.64
C TRP A 311 -6.19 -9.66 -5.15
N LYS A 312 -7.07 -9.20 -6.03
CA LYS A 312 -8.08 -8.21 -5.64
C LYS A 312 -9.46 -8.63 -6.14
N SER A 313 -10.49 -8.38 -5.32
CA SER A 313 -11.88 -8.74 -5.61
C SER A 313 -12.80 -7.55 -5.45
N ASP A 314 -13.95 -7.58 -6.13
CA ASP A 314 -14.90 -6.51 -5.89
C ASP A 314 -15.78 -6.77 -4.67
N CYS A 315 -15.72 -7.98 -4.09
CA CYS A 315 -16.44 -8.28 -2.84
C CYS A 315 -15.75 -9.42 -2.12
N GLY B 1 16.74 -23.90 5.12
CA GLY B 1 15.30 -23.97 5.04
C GLY B 1 14.72 -23.33 6.29
N SER B 2 13.42 -23.49 6.48
CA SER B 2 12.81 -23.06 7.75
C SER B 2 11.82 -24.15 8.15
N ALA B 3 11.55 -24.27 9.46
CA ALA B 3 10.73 -25.39 9.90
C ALA B 3 9.36 -25.37 9.21
N ARG B 4 8.79 -24.18 8.98
CA ARG B 4 7.46 -24.20 8.38
C ARG B 4 7.50 -24.66 6.92
N ALA B 5 8.63 -24.48 6.23
CA ALA B 5 8.75 -24.87 4.83
C ALA B 5 9.23 -26.31 4.65
N ARG B 6 9.36 -27.07 5.74
CA ARG B 6 9.75 -28.47 5.68
C ARG B 6 8.59 -29.35 6.14
N PRO B 7 8.44 -30.54 5.55
CA PRO B 7 7.42 -31.50 5.96
C PRO B 7 7.80 -32.12 7.29
N VAL C 12 26.20 13.26 -6.72
CA VAL C 12 26.78 14.45 -7.32
C VAL C 12 25.66 15.29 -7.94
N LYS C 13 25.58 15.23 -9.26
CA LYS C 13 24.53 15.90 -10.01
C LYS C 13 23.98 14.88 -10.99
N PRO C 14 22.70 14.96 -11.34
CA PRO C 14 22.16 14.05 -12.33
C PRO C 14 22.67 14.45 -13.72
N ASN C 15 22.38 13.59 -14.70
CA ASN C 15 22.77 13.84 -16.09
C ASN C 15 21.62 13.48 -17.02
N TYR C 16 20.41 13.96 -16.67
CA TYR C 16 19.24 13.73 -17.52
C TYR C 16 19.52 14.18 -18.95
N ALA C 17 19.17 13.30 -19.89
CA ALA C 17 19.39 13.54 -21.32
C ALA C 17 18.10 13.18 -22.03
N LEU C 18 17.76 13.94 -23.08
CA LEU C 18 16.50 13.70 -23.78
C LEU C 18 16.55 12.37 -24.52
N LYS C 19 15.55 11.53 -24.32
CA LYS C 19 15.48 10.27 -25.06
C LYS C 19 14.37 10.25 -26.10
N PHE C 20 13.18 10.82 -25.79
CA PHE C 20 12.06 10.75 -26.71
C PHE C 20 11.24 12.02 -26.61
N THR C 21 10.69 12.45 -27.74
CA THR C 21 9.65 13.47 -27.80
C THR C 21 8.34 12.88 -28.31
N LEU C 22 7.25 13.09 -27.55
CA LEU C 22 5.97 12.42 -27.79
C LEU C 22 5.03 13.48 -28.36
N ALA C 23 4.76 13.40 -29.65
CA ALA C 23 3.88 14.36 -30.31
C ALA C 23 2.53 13.71 -30.62
N GLY C 24 1.49 14.52 -30.61
CA GLY C 24 0.18 14.05 -31.02
C GLY C 24 -0.99 14.80 -30.41
N HIS C 25 -0.81 15.39 -29.24
CA HIS C 25 -1.84 16.29 -28.76
C HIS C 25 -1.90 17.49 -29.72
N THR C 26 -3.10 18.01 -29.91
CA THR C 26 -3.30 19.14 -30.81
C THR C 26 -3.52 20.47 -30.10
N LYS C 27 -3.57 20.47 -28.77
CA LYS C 27 -3.52 21.66 -27.91
C LYS C 27 -2.52 21.43 -26.78
N ALA C 28 -2.35 22.45 -25.94
CA ALA C 28 -1.49 22.37 -24.77
C ALA C 28 -1.66 21.06 -24.02
N VAL C 29 -0.54 20.49 -23.58
CA VAL C 29 -0.59 19.40 -22.61
C VAL C 29 -0.74 20.03 -21.23
N SER C 30 -1.52 19.39 -20.36
CA SER C 30 -1.75 19.96 -19.04
C SER C 30 -1.14 19.15 -17.92
N SER C 31 -1.03 17.83 -18.07
CA SER C 31 -0.52 17.02 -16.97
C SER C 31 -0.01 15.71 -17.50
N VAL C 32 1.16 15.26 -17.02
CA VAL C 32 1.59 13.89 -17.32
C VAL C 32 1.82 13.15 -16.01
N LYS C 33 1.52 11.87 -16.03
CA LYS C 33 1.79 11.03 -14.87
C LYS C 33 2.21 9.64 -15.30
N PHE C 34 3.20 9.08 -14.59
CA PHE C 34 3.55 7.69 -14.82
C PHE C 34 2.61 6.76 -14.09
N SER C 35 2.31 5.62 -14.70
CA SER C 35 1.57 4.61 -13.95
C SER C 35 2.40 4.06 -12.78
N PRO C 36 1.73 3.67 -11.68
CA PRO C 36 2.47 3.12 -10.54
C PRO C 36 3.29 1.90 -10.93
N ASN C 37 2.87 1.10 -11.92
CA ASN C 37 3.64 -0.08 -12.33
C ASN C 37 4.78 0.30 -13.29
N GLY C 38 4.92 1.60 -13.60
CA GLY C 38 6.05 2.13 -14.35
C GLY C 38 6.00 1.88 -15.83
N GLU C 39 4.95 1.21 -16.32
CA GLU C 39 4.92 0.82 -17.73
C GLU C 39 4.55 1.97 -18.66
N TRP C 40 3.73 2.89 -18.17
CA TRP C 40 2.98 3.85 -19.00
C TRP C 40 3.19 5.28 -18.53
N LEU C 41 3.07 6.20 -19.47
CA LEU C 41 2.88 7.60 -19.18
C LEU C 41 1.49 7.99 -19.70
N ALA C 42 0.66 8.60 -18.85
CA ALA C 42 -0.59 9.19 -19.32
C ALA C 42 -0.40 10.69 -19.43
N SER C 43 -0.95 11.26 -20.49
CA SER C 43 -0.97 12.70 -20.68
C SER C 43 -2.40 13.18 -20.88
N SER C 44 -2.72 14.33 -20.29
CA SER C 44 -4.01 14.96 -20.52
C SER C 44 -3.75 16.30 -21.18
N SER C 45 -4.78 16.81 -21.85
CA SER C 45 -4.57 17.98 -22.68
C SER C 45 -5.81 18.84 -22.77
N ALA C 46 -5.58 20.10 -23.10
CA ALA C 46 -6.64 21.02 -23.50
C ALA C 46 -7.41 20.54 -24.73
N ASP C 47 -6.89 19.54 -25.49
CA ASP C 47 -7.62 19.00 -26.63
C ASP C 47 -8.70 17.98 -26.23
N LYS C 48 -9.00 17.82 -24.94
CA LYS C 48 -10.09 17.01 -24.40
C LYS C 48 -9.72 15.54 -24.36
N LEU C 49 -8.46 15.19 -24.62
CA LEU C 49 -8.06 13.80 -24.72
C LEU C 49 -7.06 13.44 -23.66
N ILE C 50 -7.07 12.16 -23.33
CA ILE C 50 -5.99 11.55 -22.57
C ILE C 50 -5.26 10.64 -23.56
N LYS C 51 -3.94 10.62 -23.53
CA LYS C 51 -3.19 9.68 -24.35
C LYS C 51 -2.28 8.86 -23.46
N ILE C 52 -2.11 7.59 -23.83
CA ILE C 52 -1.23 6.67 -23.11
C ILE C 52 -0.05 6.36 -24.01
N TRP C 53 1.15 6.33 -23.42
CA TRP C 53 2.42 6.14 -24.11
C TRP C 53 3.28 5.16 -23.30
N GLY C 54 4.15 4.44 -24.00
CA GLY C 54 5.10 3.57 -23.28
C GLY C 54 6.16 4.40 -22.56
N ALA C 55 6.38 4.11 -21.27
CA ALA C 55 7.30 4.91 -20.48
C ALA C 55 8.77 4.74 -20.88
N TYR C 56 9.11 3.59 -21.47
CA TYR C 56 10.50 3.31 -21.81
C TYR C 56 10.81 3.52 -23.28
N ASP C 57 9.77 3.61 -24.13
CA ASP C 57 10.03 3.76 -25.56
C ASP C 57 9.24 4.91 -26.18
N GLY C 58 8.42 5.61 -25.40
CA GLY C 58 7.62 6.73 -25.86
C GLY C 58 6.61 6.39 -26.93
N LYS C 59 6.39 5.10 -27.22
CA LYS C 59 5.48 4.73 -28.28
C LYS C 59 4.03 5.01 -27.89
N PHE C 60 3.30 5.68 -28.78
CA PHE C 60 1.88 5.89 -28.56
C PHE C 60 1.11 4.58 -28.45
N GLU C 61 0.29 4.48 -27.41
CA GLU C 61 -0.57 3.32 -27.16
C GLU C 61 -2.03 3.58 -27.49
N LYS C 62 -2.62 4.65 -26.93
CA LYS C 62 -4.06 4.82 -27.23
C LYS C 62 -4.51 6.21 -26.85
N THR C 63 -5.68 6.59 -27.39
CA THR C 63 -6.36 7.82 -27.01
C THR C 63 -7.66 7.50 -26.28
N ILE C 64 -7.92 8.23 -25.21
CA ILE C 64 -9.10 8.07 -24.38
C ILE C 64 -9.89 9.38 -24.44
N SER C 65 -11.16 9.28 -24.81
CA SER C 65 -11.93 10.50 -25.07
C SER C 65 -13.34 10.42 -24.47
N GLY C 66 -13.94 11.60 -24.32
CA GLY C 66 -15.31 11.70 -23.84
C GLY C 66 -15.63 12.98 -23.08
N HIS C 67 -14.63 13.61 -22.48
CA HIS C 67 -14.87 14.93 -21.91
C HIS C 67 -15.27 15.92 -23.00
N LYS C 68 -16.09 16.90 -22.62
CA LYS C 68 -16.65 17.87 -23.56
C LYS C 68 -15.84 19.16 -23.63
N LEU C 69 -14.89 19.37 -22.72
CA LEU C 69 -13.96 20.48 -22.74
C LEU C 69 -12.61 19.94 -22.33
N GLY C 70 -11.61 20.82 -22.28
CA GLY C 70 -10.27 20.37 -21.98
C GLY C 70 -10.11 19.80 -20.59
N ILE C 71 -8.98 19.12 -20.41
CA ILE C 71 -8.65 18.40 -19.18
C ILE C 71 -7.44 19.06 -18.56
N SER C 72 -7.52 19.33 -17.25
CA SER C 72 -6.44 19.95 -16.51
C SER C 72 -5.60 18.97 -15.71
N ASP C 73 -6.07 17.75 -15.45
CA ASP C 73 -5.29 16.82 -14.63
C ASP C 73 -5.75 15.40 -14.89
N VAL C 74 -4.87 14.44 -14.59
CA VAL C 74 -5.18 13.03 -14.69
C VAL C 74 -4.39 12.34 -13.60
N ALA C 75 -4.89 11.19 -13.13
CA ALA C 75 -4.21 10.45 -12.06
C ALA C 75 -4.55 8.98 -12.21
N TRP C 76 -3.60 8.12 -11.78
CA TRP C 76 -3.72 6.66 -11.86
C TRP C 76 -4.14 6.03 -10.54
N SER C 77 -4.92 4.94 -10.64
CA SER C 77 -5.15 4.11 -9.47
C SER C 77 -3.87 3.34 -9.16
N SER C 78 -3.77 2.82 -7.92
CA SER C 78 -2.50 2.20 -7.53
CA SER C 78 -2.53 2.17 -7.49
C SER C 78 -2.21 0.92 -8.29
N ASP C 79 -3.23 0.19 -8.76
CA ASP C 79 -2.98 -1.01 -9.55
C ASP C 79 -2.81 -0.69 -11.04
N SER C 80 -2.76 0.59 -11.40
CA SER C 80 -2.57 1.08 -12.78
C SER C 80 -3.72 0.73 -13.71
N ASN C 81 -4.86 0.32 -13.17
CA ASN C 81 -5.93 -0.17 -14.02
C ASN C 81 -6.94 0.93 -14.36
N LEU C 82 -7.03 1.98 -13.54
CA LEU C 82 -7.99 3.07 -13.73
C LEU C 82 -7.24 4.39 -13.88
N LEU C 83 -7.90 5.34 -14.55
CA LEU C 83 -7.44 6.73 -14.50
C LEU C 83 -8.62 7.56 -14.05
N VAL C 84 -8.33 8.73 -13.48
CA VAL C 84 -9.35 9.75 -13.26
C VAL C 84 -8.85 11.02 -13.91
N SER C 85 -9.78 11.77 -14.49
CA SER C 85 -9.45 13.01 -15.17
C SER C 85 -10.35 14.12 -14.62
N ALA C 86 -9.81 15.34 -14.61
CA ALA C 86 -10.47 16.56 -14.15
C ALA C 86 -10.62 17.51 -15.33
N SER C 87 -11.85 18.00 -15.59
CA SER C 87 -12.11 18.74 -16.82
C SER C 87 -12.79 20.09 -16.57
N ASP C 88 -12.61 20.98 -17.54
CA ASP C 88 -13.34 22.24 -17.60
C ASP C 88 -14.83 22.03 -17.75
N ASP C 89 -15.26 20.81 -18.15
CA ASP C 89 -16.67 20.53 -18.28
C ASP C 89 -17.37 20.27 -16.93
N LYS C 90 -16.69 20.49 -15.80
CA LYS C 90 -17.18 20.48 -14.40
C LYS C 90 -17.30 19.04 -13.89
N THR C 91 -16.80 18.06 -14.63
CA THR C 91 -16.85 16.69 -14.18
C THR C 91 -15.45 16.11 -14.04
N LEU C 92 -15.39 15.04 -13.26
CA LEU C 92 -14.29 14.08 -13.38
C LEU C 92 -14.83 12.82 -14.05
N LYS C 93 -13.95 12.12 -14.73
CA LYS C 93 -14.31 10.82 -15.31
C LYS C 93 -13.33 9.77 -14.81
N ILE C 94 -13.87 8.61 -14.46
CA ILE C 94 -13.09 7.43 -14.13
C ILE C 94 -13.11 6.52 -15.35
N TRP C 95 -11.91 6.13 -15.78
CA TRP C 95 -11.67 5.38 -17.01
C TRP C 95 -11.09 4.02 -16.74
N ASP C 96 -11.52 3.05 -17.53
CA ASP C 96 -10.83 1.78 -17.60
C ASP C 96 -9.69 1.91 -18.60
N VAL C 97 -8.45 1.78 -18.12
CA VAL C 97 -7.27 1.97 -18.98
C VAL C 97 -7.25 0.96 -20.11
N SER C 98 -7.57 -0.30 -19.81
CA SER C 98 -7.45 -1.33 -20.83
C SER C 98 -8.43 -1.14 -21.98
N SER C 99 -9.68 -0.77 -21.68
CA SER C 99 -10.69 -0.64 -22.72
C SER C 99 -10.83 0.80 -23.22
N GLY C 100 -10.41 1.77 -22.45
CA GLY C 100 -10.63 3.16 -22.80
C GLY C 100 -12.01 3.68 -22.46
N LYS C 101 -12.82 2.89 -21.79
CA LYS C 101 -14.22 3.25 -21.57
C LYS C 101 -14.38 4.08 -20.32
N CYS C 102 -15.31 5.04 -20.38
CA CYS C 102 -15.65 5.82 -19.20
C CYS C 102 -16.56 4.98 -18.32
N LEU C 103 -16.09 4.67 -17.11
CA LEU C 103 -16.89 3.89 -16.18
C LEU C 103 -17.79 4.73 -15.33
N LYS C 104 -17.34 5.93 -14.96
CA LYS C 104 -18.18 6.80 -14.14
C LYS C 104 -17.90 8.25 -14.50
N THR C 105 -18.94 9.09 -14.43
CA THR C 105 -18.77 10.54 -14.49
C THR C 105 -19.16 11.13 -13.13
N LEU C 106 -18.21 11.84 -12.49
CA LEU C 106 -18.38 12.40 -11.17
C LEU C 106 -18.87 13.83 -11.34
N LYS C 107 -20.13 14.03 -10.97
CA LYS C 107 -20.81 15.30 -11.16
C LYS C 107 -21.05 15.92 -9.78
N GLY C 108 -20.86 17.23 -9.69
CA GLY C 108 -21.18 17.94 -8.46
C GLY C 108 -20.42 19.25 -8.30
N HIS C 109 -19.22 19.34 -8.88
CA HIS C 109 -18.55 20.64 -8.90
C HIS C 109 -19.35 21.59 -9.77
N SER C 110 -19.29 22.88 -9.45
CA SER C 110 -20.05 23.91 -10.16
C SER C 110 -19.16 24.80 -11.03
N ASN C 111 -17.89 24.44 -11.20
CA ASN C 111 -16.97 25.18 -12.05
C ASN C 111 -15.88 24.19 -12.45
N TYR C 112 -14.88 24.67 -13.19
CA TYR C 112 -13.86 23.79 -13.76
C TYR C 112 -13.28 22.89 -12.68
N VAL C 113 -13.07 21.61 -12.99
CA VAL C 113 -12.31 20.79 -12.05
C VAL C 113 -10.85 20.84 -12.46
N PHE C 114 -9.97 21.10 -11.51
CA PHE C 114 -8.61 21.49 -11.80
C PHE C 114 -7.57 20.41 -11.47
N CYS C 115 -7.83 19.60 -10.45
CA CYS C 115 -6.80 18.70 -9.94
C CYS C 115 -7.50 17.49 -9.35
N CYS C 116 -6.82 16.33 -9.42
CA CYS C 116 -7.45 15.11 -8.92
C CYS C 116 -6.38 14.11 -8.53
N ASN C 117 -6.77 13.15 -7.68
CA ASN C 117 -5.86 12.09 -7.26
C ASN C 117 -6.65 10.96 -6.62
N PHE C 118 -6.18 9.71 -6.83
CA PHE C 118 -6.68 8.62 -6.02
C PHE C 118 -5.94 8.57 -4.68
N ASN C 119 -6.57 7.94 -3.67
CA ASN C 119 -5.80 7.59 -2.48
C ASN C 119 -5.03 6.29 -2.76
N PRO C 120 -4.07 5.94 -1.94
CA PRO C 120 -3.33 4.69 -2.24
C PRO C 120 -4.21 3.45 -2.29
N GLN C 121 -5.19 3.33 -1.39
CA GLN C 121 -6.11 2.19 -1.43
C GLN C 121 -6.90 2.21 -2.72
N SER C 122 -7.07 3.42 -3.29
CA SER C 122 -7.76 3.70 -4.53
C SER C 122 -9.25 3.41 -4.43
N ASN C 123 -9.82 3.52 -3.23
CA ASN C 123 -11.27 3.48 -3.11
C ASN C 123 -11.86 4.87 -3.08
N LEU C 124 -11.01 5.90 -3.04
CA LEU C 124 -11.46 7.30 -3.03
C LEU C 124 -10.74 8.08 -4.09
N ILE C 125 -11.39 9.14 -4.56
CA ILE C 125 -10.77 10.18 -5.38
C ILE C 125 -10.94 11.50 -4.68
N VAL C 126 -9.90 12.34 -4.67
CA VAL C 126 -10.04 13.72 -4.19
C VAL C 126 -9.92 14.63 -5.40
N SER C 127 -10.74 15.70 -5.42
CA SER C 127 -10.71 16.66 -6.51
C SER C 127 -10.74 18.06 -5.95
N GLY C 128 -10.16 19.00 -6.70
CA GLY C 128 -10.30 20.40 -6.39
C GLY C 128 -10.74 21.16 -7.62
N SER C 129 -11.42 22.29 -7.36
CA SER C 129 -12.12 22.98 -8.43
C SER C 129 -11.98 24.51 -8.30
N PHE C 130 -12.22 25.17 -9.43
CA PHE C 130 -12.45 26.61 -9.41
C PHE C 130 -13.60 27.01 -8.49
N ASP C 131 -14.48 26.06 -8.13
CA ASP C 131 -15.57 26.41 -7.22
C ASP C 131 -15.12 26.50 -5.76
N GLU C 132 -13.82 26.38 -5.48
CA GLU C 132 -13.18 26.64 -4.19
C GLU C 132 -13.39 25.50 -3.23
N SER C 133 -13.99 24.39 -3.70
CA SER C 133 -14.17 23.22 -2.86
C SER C 133 -13.19 22.09 -3.18
N VAL C 134 -13.03 21.23 -2.19
CA VAL C 134 -12.35 19.94 -2.35
C VAL C 134 -13.44 18.89 -2.16
N ARG C 135 -13.59 17.98 -3.11
CA ARG C 135 -14.55 16.90 -2.94
C ARG C 135 -13.85 15.54 -2.83
N ILE C 136 -14.44 14.67 -2.01
CA ILE C 136 -13.97 13.30 -1.82
C ILE C 136 -15.07 12.40 -2.33
N TRP C 137 -14.73 11.52 -3.28
CA TRP C 137 -15.65 10.68 -4.04
C TRP C 137 -15.39 9.20 -3.79
N ASP C 138 -16.48 8.43 -3.75
CA ASP C 138 -16.41 6.97 -3.73
C ASP C 138 -16.17 6.42 -5.12
N VAL C 139 -15.05 5.74 -5.32
CA VAL C 139 -14.69 5.22 -6.63
C VAL C 139 -15.71 4.18 -7.10
N LYS C 140 -16.18 3.33 -6.19
CA LYS C 140 -17.07 2.25 -6.61
C LYS C 140 -18.42 2.77 -7.11
N THR C 141 -19.00 3.73 -6.40
CA THR C 141 -20.36 4.19 -6.72
C THR C 141 -20.35 5.49 -7.52
N GLY C 142 -19.26 6.24 -7.45
CA GLY C 142 -19.27 7.55 -8.04
C GLY C 142 -19.88 8.63 -7.16
N LYS C 143 -20.35 8.28 -5.98
CA LYS C 143 -21.01 9.24 -5.12
C LYS C 143 -20.02 10.18 -4.48
N CYS C 144 -20.47 11.42 -4.28
CA CYS C 144 -19.65 12.40 -3.57
C CYS C 144 -19.86 12.16 -2.08
N LEU C 145 -18.79 11.82 -1.37
CA LEU C 145 -18.92 11.53 0.06
C LEU C 145 -18.81 12.75 0.95
N LYS C 146 -17.93 13.68 0.58
CA LYS C 146 -17.77 14.91 1.34
C LYS C 146 -17.46 16.05 0.39
N THR C 147 -18.00 17.23 0.71
CA THR C 147 -17.59 18.48 0.04
C THR C 147 -17.00 19.37 1.12
N LEU C 148 -15.73 19.65 1.02
CA LEU C 148 -15.03 20.48 1.98
C LEU C 148 -15.02 21.92 1.47
N PRO C 149 -15.46 22.85 2.28
CA PRO C 149 -15.40 24.29 1.93
C PRO C 149 -13.98 24.77 2.18
N ALA C 150 -13.10 24.33 1.29
CA ALA C 150 -11.69 24.25 1.63
C ALA C 150 -10.99 25.61 1.54
N HIS C 151 -11.41 26.46 0.60
CA HIS C 151 -10.62 27.64 0.25
C HIS C 151 -11.55 28.75 -0.19
N SER C 152 -10.96 29.92 -0.41
CA SER C 152 -11.71 31.09 -0.83
C SER C 152 -11.40 31.49 -2.27
N ASP C 153 -10.80 30.62 -3.03
CA ASP C 153 -10.41 30.88 -4.42
C ASP C 153 -10.16 29.52 -5.04
N PRO C 154 -9.87 29.42 -6.34
CA PRO C 154 -9.70 28.09 -6.94
C PRO C 154 -8.68 27.23 -6.23
N VAL C 155 -8.98 25.94 -6.19
CA VAL C 155 -8.11 24.94 -5.60
C VAL C 155 -7.17 24.43 -6.68
N SER C 156 -5.87 24.60 -6.44
CA SER C 156 -4.88 24.32 -7.46
C SER C 156 -4.27 22.93 -7.36
N ALA C 157 -4.31 22.29 -6.19
CA ALA C 157 -3.73 20.95 -6.07
C ALA C 157 -4.40 20.22 -4.93
N VAL C 158 -4.49 18.89 -5.04
CA VAL C 158 -4.98 18.01 -3.98
C VAL C 158 -4.17 16.73 -4.04
N HIS C 159 -3.84 16.19 -2.88
CA HIS C 159 -2.98 15.00 -2.85
C HIS C 159 -3.20 14.24 -1.55
N PHE C 160 -3.21 12.91 -1.63
CA PHE C 160 -3.29 12.08 -0.42
C PHE C 160 -1.87 11.76 0.07
N ASN C 161 -1.74 11.55 1.38
CA ASN C 161 -0.46 11.06 1.91
C ASN C 161 -0.35 9.54 1.75
N ARG C 162 0.74 8.98 2.27
CA ARG C 162 1.11 7.59 2.00
C ARG C 162 0.09 6.58 2.52
N ASP C 163 -0.54 6.85 3.69
CA ASP C 163 -1.52 5.89 4.17
C ASP C 163 -2.93 6.33 3.86
N GLY C 164 -3.11 7.44 3.14
CA GLY C 164 -4.42 7.82 2.79
C GLY C 164 -5.18 8.59 3.87
N SER C 165 -4.60 8.77 5.04
CA SER C 165 -5.34 9.38 6.16
C SER C 165 -5.39 10.91 6.08
N LEU C 166 -4.57 11.53 5.25
CA LEU C 166 -4.54 12.99 5.12
C LEU C 166 -4.69 13.39 3.66
N ILE C 167 -5.25 14.58 3.45
CA ILE C 167 -5.27 15.25 2.17
C ILE C 167 -4.57 16.59 2.33
N VAL C 168 -3.74 16.97 1.37
CA VAL C 168 -3.25 18.34 1.36
C VAL C 168 -3.87 19.05 0.16
N SER C 169 -4.24 20.32 0.36
CA SER C 169 -4.78 21.16 -0.68
C SER C 169 -4.09 22.52 -0.70
N SER C 170 -4.06 23.14 -1.88
CA SER C 170 -3.52 24.47 -2.08
C SER C 170 -4.49 25.32 -2.89
N SER C 171 -4.34 26.64 -2.79
CA SER C 171 -5.30 27.53 -3.43
C SER C 171 -4.66 28.86 -3.80
N TYR C 172 -5.29 29.51 -4.80
CA TYR C 172 -4.98 30.89 -5.08
C TYR C 172 -5.25 31.82 -3.89
N ASP C 173 -5.97 31.37 -2.85
CA ASP C 173 -6.22 32.21 -1.68
C ASP C 173 -4.99 32.35 -0.79
N GLY C 174 -3.90 31.64 -1.12
CA GLY C 174 -2.66 31.81 -0.38
C GLY C 174 -2.45 30.76 0.68
N LEU C 175 -3.38 29.82 0.81
CA LEU C 175 -3.29 28.88 1.92
C LEU C 175 -2.90 27.50 1.42
N CYS C 176 -2.17 26.77 2.28
CA CYS C 176 -2.07 25.31 2.17
CA CYS C 176 -2.09 25.34 2.14
C CYS C 176 -2.79 24.70 3.35
N ARG C 177 -3.61 23.69 3.12
CA ARG C 177 -4.32 23.05 4.22
C ARG C 177 -4.19 21.54 4.22
N ILE C 178 -4.13 21.00 5.43
CA ILE C 178 -4.06 19.56 5.68
C ILE C 178 -5.39 19.17 6.30
N TRP C 179 -6.01 18.14 5.72
CA TRP C 179 -7.32 17.65 6.11
C TRP C 179 -7.25 16.19 6.53
N ASP C 180 -8.06 15.84 7.52
CA ASP C 180 -8.25 14.46 7.90
C ASP C 180 -9.23 13.83 6.92
N THR C 181 -8.78 12.82 6.16
CA THR C 181 -9.66 12.23 5.15
C THR C 181 -10.98 11.75 5.74
N ALA C 182 -10.90 11.04 6.88
CA ALA C 182 -12.08 10.40 7.44
C ALA C 182 -13.05 11.39 8.04
N SER C 183 -12.55 12.43 8.72
CA SER C 183 -13.45 13.30 9.48
C SER C 183 -13.80 14.55 8.70
N GLY C 184 -13.02 14.87 7.68
CA GLY C 184 -13.22 16.06 6.93
C GLY C 184 -12.75 17.32 7.61
N GLN C 185 -12.08 17.22 8.74
CA GLN C 185 -11.70 18.46 9.40
C GLN C 185 -10.30 18.94 9.01
N CYS C 186 -10.17 20.26 9.04
CA CYS C 186 -8.89 20.90 8.79
C CYS C 186 -8.01 20.76 10.01
N LEU C 187 -6.87 20.10 9.81
CA LEU C 187 -5.92 19.83 10.87
C LEU C 187 -4.85 20.92 10.90
N LYS C 188 -4.55 21.54 9.76
CA LYS C 188 -3.48 22.55 9.77
C LYS C 188 -3.66 23.51 8.61
N THR C 189 -3.42 24.79 8.86
CA THR C 189 -3.41 25.79 7.80
C THR C 189 -2.05 26.47 7.78
N LEU C 190 -1.38 26.42 6.64
CA LEU C 190 -0.10 27.08 6.48
C LEU C 190 -0.33 28.44 5.81
N ILE C 191 0.23 29.48 6.43
CA ILE C 191 -0.01 30.88 6.10
C ILE C 191 1.30 31.57 5.78
N ASP C 192 1.26 32.48 4.82
CA ASP C 192 2.35 33.41 4.51
C ASP C 192 1.73 34.79 4.57
N ASP C 193 2.36 35.73 5.27
CA ASP C 193 1.76 37.06 5.41
C ASP C 193 1.74 37.80 4.08
N ASP C 194 2.65 37.49 3.17
CA ASP C 194 2.61 38.11 1.85
C ASP C 194 1.59 37.43 0.96
N ASN C 195 1.09 36.27 1.40
CA ASN C 195 -0.02 35.58 0.76
C ASN C 195 0.02 35.38 -0.75
N PRO C 196 1.16 34.97 -1.31
CA PRO C 196 1.17 34.68 -2.74
C PRO C 196 0.26 33.49 -3.02
N PRO C 197 -0.38 33.45 -4.17
CA PRO C 197 -1.17 32.27 -4.51
C PRO C 197 -0.31 31.01 -4.42
N VAL C 198 -0.89 29.97 -3.87
CA VAL C 198 -0.22 28.67 -3.82
C VAL C 198 -0.72 27.89 -5.02
N SER C 199 0.20 27.51 -5.90
CA SER C 199 -0.20 26.97 -7.19
C SER C 199 -0.01 25.47 -7.30
N PHE C 200 0.63 24.84 -6.31
CA PHE C 200 0.87 23.41 -6.33
C PHE C 200 1.27 22.97 -4.93
N VAL C 201 0.87 21.76 -4.54
CA VAL C 201 1.34 21.13 -3.32
C VAL C 201 1.27 19.63 -3.49
N LYS C 202 2.16 18.91 -2.79
CA LYS C 202 2.03 17.46 -2.70
C LYS C 202 2.84 16.98 -1.51
N PHE C 203 2.47 15.82 -0.98
CA PHE C 203 3.25 15.22 0.09
C PHE C 203 4.54 14.59 -0.45
N SER C 204 5.57 14.56 0.41
CA SER C 204 6.76 13.77 0.13
C SER C 204 6.40 12.28 0.13
N PRO C 205 7.21 11.44 -0.53
CA PRO C 205 6.91 9.99 -0.51
C PRO C 205 6.76 9.41 0.89
N ASN C 206 7.52 9.87 1.87
CA ASN C 206 7.35 9.32 3.22
C ASN C 206 6.20 9.97 3.98
N GLY C 207 5.60 11.02 3.44
CA GLY C 207 4.44 11.63 4.08
C GLY C 207 4.75 12.64 5.16
N LYS C 208 6.02 12.85 5.51
CA LYS C 208 6.36 13.77 6.59
C LYS C 208 6.39 15.23 6.19
N TYR C 209 6.59 15.52 4.91
CA TYR C 209 6.72 16.88 4.39
C TYR C 209 5.70 17.16 3.30
N ILE C 210 5.51 18.45 3.01
CA ILE C 210 4.78 18.85 1.80
C ILE C 210 5.68 19.81 1.03
N LEU C 211 5.62 19.71 -0.28
CA LEU C 211 6.29 20.63 -1.18
C LEU C 211 5.24 21.55 -1.77
N ALA C 212 5.43 22.86 -1.66
CA ALA C 212 4.41 23.81 -2.11
C ALA C 212 5.02 24.84 -3.04
N ALA C 213 4.36 25.09 -4.16
CA ALA C 213 4.77 26.14 -5.09
C ALA C 213 3.90 27.37 -4.89
N THR C 214 4.52 28.55 -4.95
CA THR C 214 3.77 29.81 -4.90
C THR C 214 4.11 30.65 -6.12
N LEU C 215 3.17 31.49 -6.54
CA LEU C 215 3.37 32.27 -7.76
C LEU C 215 4.22 33.51 -7.54
N ASP C 216 5.31 33.33 -6.81
CA ASP C 216 6.35 34.32 -6.63
C ASP C 216 7.70 33.67 -6.89
N ASN C 217 7.69 32.71 -7.81
CA ASN C 217 8.92 32.07 -8.29
C ASN C 217 9.65 31.30 -7.19
N THR C 218 8.88 30.68 -6.27
CA THR C 218 9.41 30.00 -5.10
C THR C 218 8.75 28.65 -4.87
N LEU C 219 9.58 27.63 -4.57
CA LEU C 219 9.12 26.34 -4.07
C LEU C 219 9.61 26.16 -2.64
N LYS C 220 8.78 25.58 -1.77
CA LYS C 220 9.13 25.44 -0.37
C LYS C 220 8.80 24.06 0.12
N LEU C 221 9.72 23.48 0.90
CA LEU C 221 9.53 22.23 1.61
C LEU C 221 9.14 22.57 3.05
N TRP C 222 7.96 22.08 3.49
CA TRP C 222 7.39 22.36 4.81
C TRP C 222 7.29 21.10 5.64
N ASP C 223 7.59 21.24 6.92
CA ASP C 223 7.19 20.24 7.91
C ASP C 223 5.82 20.73 8.35
N TYR C 224 4.76 20.13 7.81
CA TYR C 224 3.45 20.74 8.02
C TYR C 224 2.97 20.56 9.45
N SER C 225 3.43 19.52 10.15
CA SER C 225 2.98 19.35 11.53
C SER C 225 3.55 20.46 12.44
N LYS C 226 4.84 20.77 12.29
CA LYS C 226 5.48 21.85 13.04
C LYS C 226 5.14 23.21 12.45
N GLY C 227 4.59 23.25 11.25
CA GLY C 227 4.32 24.52 10.60
C GLY C 227 5.57 25.29 10.28
N LYS C 228 6.64 24.60 9.88
CA LYS C 228 7.95 25.21 9.66
C LYS C 228 8.37 25.00 8.22
N CYS C 229 8.81 26.07 7.56
CA CYS C 229 9.42 25.94 6.24
C CYS C 229 10.85 25.45 6.41
N LEU C 230 11.18 24.30 5.83
CA LEU C 230 12.51 23.71 5.94
C LEU C 230 13.44 24.11 4.80
N LYS C 231 12.91 24.23 3.59
CA LYS C 231 13.79 24.53 2.44
C LYS C 231 13.06 25.45 1.50
N THR C 232 13.80 26.33 0.83
CA THR C 232 13.23 27.12 -0.26
C THR C 232 14.08 26.94 -1.52
N TYR C 233 13.44 26.71 -2.65
CA TYR C 233 14.10 26.51 -3.94
C TYR C 233 13.70 27.64 -4.88
N THR C 234 14.67 28.27 -5.53
CA THR C 234 14.42 29.39 -6.42
C THR C 234 15.29 29.25 -7.65
N GLY C 235 15.12 30.18 -8.57
CA GLY C 235 15.91 30.23 -9.78
C GLY C 235 15.08 30.05 -11.03
N HIS C 236 13.94 29.43 -10.91
CA HIS C 236 12.99 29.20 -11.97
C HIS C 236 12.01 30.36 -12.05
N LYS C 237 11.11 30.31 -13.03
CA LYS C 237 10.12 31.35 -13.26
C LYS C 237 8.75 30.74 -13.04
N ASN C 238 7.98 31.27 -12.07
CA ASN C 238 6.62 30.72 -11.89
C ASN C 238 5.78 31.83 -11.26
N GLU C 239 5.11 32.60 -12.11
CA GLU C 239 4.25 33.65 -11.63
C GLU C 239 2.83 33.55 -12.12
N LYS C 240 2.52 32.62 -13.06
CA LYS C 240 1.24 32.63 -13.77
C LYS C 240 0.54 31.28 -13.76
N TYR C 241 1.28 30.16 -13.90
CA TYR C 241 0.69 28.85 -14.12
C TYR C 241 0.85 27.92 -12.93
N CYS C 242 -0.05 26.96 -12.83
CA CYS C 242 0.01 25.95 -11.77
C CYS C 242 0.82 24.80 -12.30
N ILE C 243 2.13 24.85 -12.00
CA ILE C 243 3.13 23.92 -12.53
C ILE C 243 3.33 22.80 -11.53
N PHE C 244 3.29 21.56 -12.00
CA PHE C 244 3.57 20.42 -11.13
C PHE C 244 5.04 20.40 -10.72
N ALA C 245 5.32 19.98 -9.47
CA ALA C 245 6.68 19.76 -8.97
C ALA C 245 6.73 18.39 -8.33
N ASN C 246 7.93 17.86 -8.07
CA ASN C 246 8.07 16.46 -7.68
C ASN C 246 9.26 16.27 -6.77
N PHE C 247 9.18 15.22 -5.94
CA PHE C 247 10.34 14.62 -5.32
C PHE C 247 10.87 13.52 -6.23
N SER C 248 12.17 13.53 -6.49
CA SER C 248 12.80 12.45 -7.23
C SER C 248 13.66 11.67 -6.25
N VAL C 249 13.40 10.36 -6.13
CA VAL C 249 14.02 9.58 -5.06
C VAL C 249 14.62 8.28 -5.56
N THR C 250 14.55 8.01 -6.84
CA THR C 250 15.09 6.74 -7.36
C THR C 250 16.59 6.69 -7.36
N GLY C 251 17.24 7.84 -7.49
CA GLY C 251 18.67 7.94 -7.45
C GLY C 251 19.06 8.94 -6.39
N GLY C 252 19.69 10.05 -6.78
CA GLY C 252 19.92 11.11 -5.83
C GLY C 252 18.60 11.73 -5.41
N LYS C 253 18.62 12.51 -4.33
CA LYS C 253 17.40 13.09 -3.79
C LYS C 253 17.24 14.51 -4.33
N TRP C 254 16.34 14.67 -5.29
CA TRP C 254 16.17 15.92 -6.00
C TRP C 254 14.75 16.43 -5.85
N ILE C 255 14.61 17.73 -6.14
CA ILE C 255 13.33 18.38 -6.38
C ILE C 255 13.29 18.74 -7.86
N VAL C 256 12.19 18.44 -8.52
CA VAL C 256 12.03 18.65 -9.97
C VAL C 256 10.81 19.53 -10.22
N SER C 257 10.96 20.54 -11.09
CA SER C 257 9.79 21.37 -11.41
C SER C 257 9.87 21.86 -12.85
N GLY C 258 8.72 22.15 -13.45
CA GLY C 258 8.69 22.94 -14.66
C GLY C 258 8.94 24.42 -14.34
N SER C 259 8.96 25.21 -15.40
CA SER C 259 9.25 26.63 -15.29
C SER C 259 8.64 27.37 -16.47
N GLU C 260 8.35 28.65 -16.26
CA GLU C 260 7.80 29.50 -17.31
C GLU C 260 8.86 30.02 -18.26
N ASP C 261 10.15 29.68 -18.04
CA ASP C 261 11.17 29.97 -19.04
C ASP C 261 11.47 28.75 -19.92
N ASN C 262 10.56 27.78 -19.93
CA ASN C 262 10.56 26.64 -20.87
C ASN C 262 11.58 25.57 -20.48
N LEU C 263 12.08 25.60 -19.26
CA LEU C 263 13.10 24.68 -18.80
C LEU C 263 12.53 23.80 -17.70
N VAL C 264 13.09 22.58 -17.57
CA VAL C 264 12.89 21.77 -16.37
C VAL C 264 14.02 22.09 -15.40
N TYR C 265 13.68 22.38 -14.15
CA TYR C 265 14.67 22.67 -13.13
C TYR C 265 14.79 21.49 -12.19
N ILE C 266 16.04 21.16 -11.82
CA ILE C 266 16.28 20.11 -10.83
C ILE C 266 17.20 20.69 -9.78
N TRP C 267 16.77 20.59 -8.53
CA TRP C 267 17.55 21.02 -7.39
C TRP C 267 17.99 19.86 -6.51
N ASN C 268 19.12 20.05 -5.80
CA ASN C 268 19.48 19.17 -4.69
C ASN C 268 18.54 19.44 -3.52
N LEU C 269 17.76 18.42 -3.10
CA LEU C 269 16.75 18.67 -2.05
C LEU C 269 17.35 19.27 -0.80
N GLN C 270 18.53 18.79 -0.40
CA GLN C 270 19.08 19.21 0.87
C GLN C 270 19.81 20.54 0.80
N THR C 271 20.60 20.76 -0.26
CA THR C 271 21.39 21.98 -0.34
C THR C 271 20.67 23.13 -1.01
N LYS C 272 19.60 22.84 -1.76
CA LYS C 272 18.79 23.81 -2.47
C LYS C 272 19.49 24.35 -3.73
N GLU C 273 20.67 23.84 -4.08
CA GLU C 273 21.32 24.27 -5.32
C GLU C 273 20.65 23.67 -6.54
N ILE C 274 20.60 24.45 -7.63
CA ILE C 274 20.23 23.92 -8.93
C ILE C 274 21.32 22.97 -9.41
N VAL C 275 20.95 21.75 -9.75
CA VAL C 275 21.89 20.78 -10.28
C VAL C 275 21.74 20.51 -11.76
N GLN C 276 20.57 20.78 -12.34
CA GLN C 276 20.43 20.65 -13.79
C GLN C 276 19.27 21.50 -14.26
N LYS C 277 19.40 22.02 -15.49
CA LYS C 277 18.30 22.63 -16.21
C LYS C 277 18.17 21.94 -17.56
N LEU C 278 17.00 21.40 -17.84
CA LEU C 278 16.77 20.63 -19.07
C LEU C 278 16.13 21.51 -20.13
N GLN C 279 16.83 21.68 -21.24
CA GLN C 279 16.43 22.58 -22.31
C GLN C 279 15.85 21.77 -23.46
N GLY C 280 14.83 22.31 -24.10
CA GLY C 280 14.28 21.69 -25.30
C GLY C 280 12.81 21.96 -25.55
N HIS C 281 12.00 22.19 -24.51
CA HIS C 281 10.63 22.63 -24.75
C HIS C 281 10.61 24.06 -25.29
N THR C 282 9.50 24.40 -25.96
CA THR C 282 9.34 25.70 -26.61
C THR C 282 8.17 26.48 -26.02
N ASP C 283 7.70 26.07 -24.86
CA ASP C 283 6.69 26.86 -24.13
C ASP C 283 6.80 26.45 -22.68
N VAL C 284 6.00 27.11 -21.83
CA VAL C 284 5.99 26.83 -20.40
C VAL C 284 5.94 25.33 -20.15
N VAL C 285 6.81 24.86 -19.28
CA VAL C 285 6.78 23.45 -18.88
C VAL C 285 5.80 23.35 -17.71
N ILE C 286 4.56 22.98 -18.01
CA ILE C 286 3.47 23.00 -17.04
C ILE C 286 3.54 21.78 -16.15
N SER C 287 4.13 20.69 -16.63
CA SER C 287 4.05 19.44 -15.87
C SER C 287 5.36 18.67 -15.98
N THR C 288 5.78 18.10 -14.86
CA THR C 288 6.87 17.15 -14.78
C THR C 288 6.37 15.99 -13.93
N ALA C 289 6.88 14.80 -14.20
CA ALA C 289 6.61 13.62 -13.39
C ALA C 289 7.88 12.79 -13.28
N CYS C 290 8.02 12.08 -12.17
CA CYS C 290 9.21 11.25 -11.95
C CYS C 290 8.80 9.79 -11.96
N HIS C 291 9.55 8.97 -12.70
CA HIS C 291 9.21 7.55 -12.80
C HIS C 291 9.33 6.85 -11.44
N PRO C 292 8.49 5.85 -11.18
CA PRO C 292 8.48 5.23 -9.83
C PRO C 292 9.73 4.46 -9.46
N THR C 293 10.44 3.88 -10.43
CA THR C 293 11.61 3.05 -10.10
C THR C 293 12.89 3.44 -10.83
N GLU C 294 12.78 4.06 -12.00
CA GLU C 294 13.92 4.48 -12.81
C GLU C 294 14.14 5.98 -12.72
N ASN C 295 15.38 6.39 -13.02
CA ASN C 295 15.71 7.84 -13.06
C ASN C 295 15.25 8.39 -14.40
N ILE C 296 13.93 8.48 -14.54
CA ILE C 296 13.30 8.99 -15.77
C ILE C 296 12.34 10.11 -15.38
N ILE C 297 12.43 11.23 -16.11
CA ILE C 297 11.50 12.36 -15.98
C ILE C 297 10.67 12.47 -17.23
N ALA C 298 9.38 12.71 -17.06
CA ALA C 298 8.53 13.16 -18.16
C ALA C 298 8.21 14.63 -17.93
N SER C 299 8.23 15.39 -19.00
CA SER C 299 7.88 16.81 -18.92
C SER C 299 6.93 17.13 -20.06
N ALA C 300 6.09 18.15 -19.88
CA ALA C 300 5.13 18.51 -20.93
C ALA C 300 4.89 20.00 -20.89
N ALA C 301 4.55 20.55 -22.07
CA ALA C 301 4.52 22.02 -22.25
C ALA C 301 3.23 22.48 -22.91
N LEU C 302 3.01 23.81 -22.85
CA LEU C 302 1.78 24.46 -23.28
C LEU C 302 1.72 24.69 -24.79
N GLU C 303 0.83 25.60 -25.22
CA GLU C 303 0.32 25.61 -26.60
C GLU C 303 1.39 25.77 -27.66
N ASN C 304 2.49 26.48 -27.40
CA ASN C 304 3.50 26.64 -28.45
C ASN C 304 4.37 25.40 -28.62
N ASP C 305 4.11 24.38 -27.81
CA ASP C 305 4.96 23.18 -27.82
C ASP C 305 4.10 21.92 -28.04
N LYS C 306 3.16 21.65 -27.14
CA LYS C 306 2.19 20.53 -27.23
C LYS C 306 2.81 19.14 -27.17
N THR C 307 4.05 19.02 -26.72
CA THR C 307 4.71 17.72 -26.65
C THR C 307 5.05 17.33 -25.22
N ILE C 308 5.33 16.04 -25.08
CA ILE C 308 5.84 15.45 -23.85
C ILE C 308 7.25 14.99 -24.16
N LYS C 309 8.19 15.22 -23.25
CA LYS C 309 9.55 14.73 -23.42
C LYS C 309 9.91 13.76 -22.29
N LEU C 310 10.67 12.73 -22.64
CA LEU C 310 11.14 11.73 -21.70
C LEU C 310 12.65 11.86 -21.60
N TRP C 311 13.15 11.96 -20.37
CA TRP C 311 14.56 12.19 -20.07
C TRP C 311 15.09 11.10 -19.16
N LYS C 312 16.35 10.69 -19.35
CA LYS C 312 16.88 9.59 -18.54
C LYS C 312 18.22 10.00 -17.96
N SER C 313 18.46 9.64 -16.69
CA SER C 313 19.71 9.97 -16.01
C SER C 313 20.31 8.73 -15.38
N ASP C 314 21.61 8.77 -15.15
CA ASP C 314 22.27 7.67 -14.44
C ASP C 314 22.11 7.76 -12.94
N CYS C 315 21.64 8.90 -12.42
CA CYS C 315 21.41 9.05 -10.98
C CYS C 315 20.40 10.14 -10.68
N GLY D 1 -9.87 24.64 -24.64
CA GLY D 1 -8.80 24.60 -23.65
C GLY D 1 -9.08 24.05 -22.26
N SER D 2 -8.13 24.22 -21.36
CA SER D 2 -8.31 23.82 -19.99
C SER D 2 -7.77 24.89 -19.06
N ALA D 3 -8.36 24.97 -17.86
CA ALA D 3 -8.02 26.04 -16.92
C ALA D 3 -6.54 26.03 -16.58
N ARG D 4 -5.94 24.83 -16.49
CA ARG D 4 -4.52 24.80 -16.12
C ARG D 4 -3.64 25.39 -17.22
N ALA D 5 -4.10 25.35 -18.46
CA ALA D 5 -3.31 25.89 -19.54
C ALA D 5 -3.59 27.36 -19.82
N ARG D 6 -4.42 28.00 -19.00
CA ARG D 6 -4.71 29.41 -19.13
C ARG D 6 -4.12 30.19 -17.98
N PRO D 7 -3.68 31.44 -18.22
CA PRO D 7 -3.13 32.26 -17.13
C PRO D 7 -4.22 32.80 -16.16
#